data_5NB7
#
_entry.id   5NB7
#
_cell.length_a   55.801
_cell.length_b   49.884
_cell.length_c   39.088
_cell.angle_alpha   90.00
_cell.angle_beta   106.08
_cell.angle_gamma   90.00
#
_symmetry.space_group_name_H-M   'P 1 21 1'
#
loop_
_entity.id
_entity.type
_entity.pdbx_description
1 polymer 'Complement factor D'
2 non-polymer 'DIMETHYL SULFOXIDE'
3 non-polymer 1-[2-[(1~{R},3~{S},5~{R})-3-[(6-bromanylpyridin-2-yl)carbamoyl]-2-azabicyclo[3.1.0]hexan-2-yl]-2-oxidanylidene-ethyl]indazole-3-carboxamide
4 water water
#
_entity_poly.entity_id   1
_entity_poly.type   'polypeptide(L)'
_entity_poly.pdbx_seq_one_letter_code
;ILGGREAEAHARPYMASVQLNGAHLCGGVLVAEQWVLSAAHCLEDAADGKVQVLLGAHSLSQPEPSKRLYDVLRAVPHPD
SQPDTIDHDLLLLQLSEKATLGPAVRPLPWQRVDRDVAPGTLCDVAGWGIVNHAGRRPDSLQHVLLPVLDRATCNRRTHH
DGAITERLMCAESNRRDSCKGDSGGPLVCGGVLEGVVTSGSRVCGNRKKPGIYTRVASYAAWIDSVLASA
;
_entity_poly.pdbx_strand_id   A
#
loop_
_chem_comp.id
_chem_comp.type
_chem_comp.name
_chem_comp.formula
8NQ non-polymer 1-[2-[(1~{R},3~{S},5~{R})-3-[(6-bromanylpyridin-2-yl)carbamoyl]-2-azabicyclo[3.1.0]hexan-2-yl]-2-oxidanylidene-ethyl]indazole-3-carboxamide 'C21 H19 Br N6 O3'
DMS non-polymer 'DIMETHYL SULFOXIDE' 'C2 H6 O S'
#
# COMPACT_ATOMS: atom_id res chain seq x y z
N ILE A 1 10.03 5.03 1.17
CA ILE A 1 10.49 4.96 -0.27
C ILE A 1 11.99 5.31 -0.33
N LEU A 2 12.77 4.45 -0.97
CA LEU A 2 14.15 4.71 -1.18
C LEU A 2 14.34 5.19 -2.61
N GLY A 3 15.21 6.14 -2.79
CA GLY A 3 15.47 6.67 -4.13
C GLY A 3 14.46 7.50 -4.81
N GLY A 4 13.45 7.99 -4.03
CA GLY A 4 12.41 8.68 -4.53
C GLY A 4 12.60 10.14 -4.31
N ARG A 5 11.50 10.86 -4.44
CA ARG A 5 11.52 12.36 -4.33
C ARG A 5 10.20 12.72 -3.67
N GLU A 6 10.04 13.98 -3.16
CA GLU A 6 8.87 14.35 -2.54
C GLU A 6 7.78 14.45 -3.57
N ALA A 7 6.63 13.83 -3.32
CA ALA A 7 5.46 13.99 -4.18
C ALA A 7 4.93 15.42 -4.24
N GLU A 8 4.22 15.76 -5.35
CA GLU A 8 3.37 17.01 -5.43
C GLU A 8 2.29 16.87 -4.42
N ALA A 9 2.05 17.85 -3.58
CA ALA A 9 1.02 17.73 -2.58
C ALA A 9 -0.29 17.51 -3.15
N HIS A 10 -0.94 16.41 -2.60
CA HIS A 10 -2.33 16.06 -2.95
C HIS A 10 -2.52 15.59 -4.36
N ALA A 11 -1.43 15.27 -5.03
CA ALA A 11 -1.54 14.81 -6.42
C ALA A 11 -2.01 13.34 -6.49
N ARG A 12 -2.02 12.69 -5.33
CA ARG A 12 -2.45 11.25 -5.27
C ARG A 12 -3.56 11.30 -4.17
N PRO A 13 -4.77 11.65 -4.57
CA PRO A 13 -5.81 11.87 -3.56
C PRO A 13 -6.41 10.60 -2.94
N TYR A 14 -5.96 9.47 -3.43
CA TYR A 14 -6.30 8.19 -2.88
C TYR A 14 -5.41 7.77 -1.79
N MET A 15 -4.28 8.44 -1.53
CA MET A 15 -3.29 7.99 -0.61
C MET A 15 -3.72 8.08 0.80
N ALA A 16 -3.54 7.07 1.63
CA ALA A 16 -3.86 7.02 3.06
C ALA A 16 -2.67 6.68 3.90
N SER A 17 -2.62 7.26 5.10
CA SER A 17 -1.71 6.81 6.13
C SER A 17 -2.51 6.08 7.19
N VAL A 18 -2.16 4.79 7.38
CA VAL A 18 -2.77 3.97 8.38
C VAL A 18 -1.95 4.09 9.66
N GLN A 19 -2.60 4.47 10.77
CA GLN A 19 -1.90 4.88 11.98
C GLN A 19 -2.31 4.11 13.17
N LEU A 20 -1.43 4.04 14.15
CA LEU A 20 -1.66 3.42 15.46
C LEU A 20 -1.33 4.47 16.47
N ASN A 21 -2.31 4.87 17.28
CA ASN A 21 -2.11 5.98 18.21
C ASN A 21 -1.42 7.23 17.60
N GLY A 22 -1.82 7.61 16.43
CA GLY A 22 -1.27 8.78 15.75
C GLY A 22 0.13 8.68 15.14
N ALA A 23 0.69 7.44 15.08
CA ALA A 23 1.94 7.20 14.43
C ALA A 23 1.69 6.43 13.14
N HIS A 24 2.25 6.83 12.02
CA HIS A 24 2.20 6.11 10.81
C HIS A 24 2.76 4.72 10.96
N LEU A 25 1.94 3.75 10.51
CA LEU A 25 2.37 2.32 10.36
C LEU A 25 2.51 1.89 8.93
N CYS A 26 1.57 2.18 8.07
CA CYS A 26 1.48 1.61 6.73
C CYS A 26 0.82 2.57 5.80
N GLY A 27 1.09 2.46 4.54
CA GLY A 27 0.28 3.04 3.55
C GLY A 27 -1.09 2.42 3.44
N GLY A 28 -1.93 3.01 2.69
CA GLY A 28 -3.23 2.46 2.35
C GLY A 28 -3.81 3.17 1.14
N VAL A 29 -4.88 2.73 0.57
CA VAL A 29 -5.48 3.34 -0.62
C VAL A 29 -6.95 3.43 -0.47
N LEU A 30 -7.52 4.58 -0.66
CA LEU A 30 -8.95 4.76 -0.62
C LEU A 30 -9.53 4.14 -1.86
N VAL A 31 -10.39 3.09 -1.68
CA VAL A 31 -10.96 2.31 -2.83
C VAL A 31 -12.46 2.47 -2.92
N ALA A 32 -13.13 3.05 -1.93
CA ALA A 32 -14.54 3.33 -1.96
C ALA A 32 -14.75 4.47 -0.99
N GLU A 33 -15.93 5.00 -0.93
CA GLU A 33 -16.09 6.15 -0.10
C GLU A 33 -15.84 5.93 1.34
N GLN A 34 -16.06 4.71 1.85
CA GLN A 34 -15.93 4.42 3.19
C GLN A 34 -14.82 3.33 3.54
N TRP A 35 -14.00 2.97 2.56
CA TRP A 35 -13.12 1.89 2.72
C TRP A 35 -11.72 2.18 2.20
N VAL A 36 -10.74 1.79 3.04
CA VAL A 36 -9.35 1.90 2.71
C VAL A 36 -8.73 0.48 2.65
N LEU A 37 -8.01 0.21 1.61
CA LEU A 37 -7.29 -1.10 1.40
C LEU A 37 -5.86 -0.94 1.87
N SER A 38 -5.33 -1.87 2.61
CA SER A 38 -3.94 -1.90 3.09
C SER A 38 -3.48 -3.35 3.22
N ALA A 39 -2.48 -3.64 4.00
CA ALA A 39 -1.91 -5.02 4.12
C ALA A 39 -2.22 -5.57 5.44
N ALA A 40 -2.44 -6.91 5.48
CA ALA A 40 -2.88 -7.59 6.69
C ALA A 40 -2.01 -7.56 7.86
N HIS A 41 -0.71 -7.55 7.67
CA HIS A 41 0.18 -7.50 8.84
C HIS A 41 0.29 -6.12 9.51
N CYS A 42 -0.33 -5.14 8.91
CA CYS A 42 -0.22 -3.78 9.46
C CYS A 42 -0.81 -3.65 10.81
N LEU A 43 -1.81 -4.46 11.18
CA LEU A 43 -2.37 -4.30 12.51
C LEU A 43 -1.82 -5.30 13.49
N GLU A 44 -0.65 -5.82 13.20
CA GLU A 44 -0.04 -6.83 14.11
C GLU A 44 0.13 -6.34 15.53
N ASP A 45 0.46 -5.05 15.66
CA ASP A 45 0.93 -4.53 16.96
C ASP A 45 -0.18 -3.58 17.53
N ALA A 46 -1.42 -3.68 17.00
CA ALA A 46 -2.45 -2.67 17.15
C ALA A 46 -3.47 -2.95 18.26
N ALA A 47 -3.38 -4.07 18.93
CA ALA A 47 -4.58 -4.57 19.72
C ALA A 47 -4.97 -3.64 20.85
N ASP A 48 -3.93 -3.02 21.39
CA ASP A 48 -4.13 -2.15 22.56
C ASP A 48 -4.05 -0.70 22.23
N GLY A 49 -4.26 -0.37 20.99
CA GLY A 49 -4.23 1.00 20.60
C GLY A 49 -5.34 1.33 19.61
N LYS A 50 -5.35 2.53 19.15
CA LYS A 50 -6.37 3.00 18.29
C LYS A 50 -5.84 3.13 16.86
N VAL A 51 -6.50 2.45 15.98
CA VAL A 51 -6.21 2.50 14.56
C VAL A 51 -7.04 3.58 13.89
N GLN A 52 -6.35 4.46 13.12
CA GLN A 52 -6.94 5.52 12.42
C GLN A 52 -6.40 5.63 11.03
N VAL A 53 -7.09 6.35 10.15
CA VAL A 53 -6.64 6.54 8.76
C VAL A 53 -6.67 8.04 8.46
N LEU A 54 -5.48 8.50 7.99
CA LEU A 54 -5.32 9.91 7.64
C LEU A 54 -5.51 10.05 6.14
N LEU A 55 -6.50 10.79 5.73
CA LEU A 55 -6.74 11.05 4.34
C LEU A 55 -6.44 12.55 4.03
N GLY A 56 -6.20 12.81 2.76
CA GLY A 56 -6.03 14.23 2.37
C GLY A 56 -4.69 14.77 2.73
N ALA A 57 -3.71 14.03 3.08
CA ALA A 57 -2.47 14.47 3.65
C ALA A 57 -1.34 14.54 2.68
N HIS A 58 -0.45 15.48 2.96
CA HIS A 58 0.87 15.50 2.39
C HIS A 58 1.88 15.35 3.51
N SER A 59 1.95 16.33 4.39
CA SER A 59 2.68 16.21 5.62
C SER A 59 1.89 15.44 6.70
N LEU A 60 2.60 14.61 7.43
CA LEU A 60 1.99 13.93 8.50
C LEU A 60 1.72 14.85 9.71
N SER A 61 2.51 15.91 9.85
CA SER A 61 2.45 16.76 11.08
C SER A 61 1.78 18.07 10.92
N GLN A 62 1.80 18.66 9.73
CA GLN A 62 1.39 20.09 9.55
C GLN A 62 -0.07 20.19 9.25
N PRO A 63 -0.71 21.28 9.58
CA PRO A 63 -2.09 21.47 9.21
C PRO A 63 -2.25 21.71 7.69
N GLU A 64 -3.26 21.09 7.11
CA GLU A 64 -3.62 21.21 5.69
C GLU A 64 -5.15 21.21 5.62
N PRO A 65 -5.84 22.06 4.84
CA PRO A 65 -7.28 22.06 4.84
C PRO A 65 -7.94 20.73 4.53
N SER A 66 -7.38 19.95 3.64
CA SER A 66 -7.95 18.67 3.26
C SER A 66 -7.60 17.57 4.19
N LYS A 67 -6.72 17.68 5.15
CA LYS A 67 -6.32 16.56 6.03
C LYS A 67 -7.43 16.25 6.98
N ARG A 68 -7.74 14.97 7.11
CA ARG A 68 -8.75 14.52 8.10
C ARG A 68 -8.34 13.15 8.54
N LEU A 69 -8.31 12.95 9.85
CA LEU A 69 -8.01 11.69 10.48
C LEU A 69 -9.33 11.04 10.83
N TYR A 70 -9.55 9.92 10.19
CA TYR A 70 -10.78 9.14 10.44
C TYR A 70 -10.53 8.01 11.44
N ASP A 71 -11.50 7.79 12.29
CA ASP A 71 -11.58 6.57 13.08
C ASP A 71 -12.04 5.43 12.18
N VAL A 72 -11.68 4.24 12.69
CA VAL A 72 -12.02 3.00 11.96
C VAL A 72 -13.10 2.23 12.71
N LEU A 73 -14.21 1.97 11.96
CA LEU A 73 -15.35 1.22 12.57
C LEU A 73 -15.03 -0.27 12.67
N ARG A 74 -14.39 -0.79 11.62
CA ARG A 74 -14.08 -2.19 11.45
C ARG A 74 -12.83 -2.40 10.71
N ALA A 75 -11.99 -3.33 11.17
CA ALA A 75 -10.80 -3.77 10.43
C ALA A 75 -10.98 -5.24 10.02
N VAL A 76 -10.82 -5.50 8.76
CA VAL A 76 -11.12 -6.79 8.16
C VAL A 76 -9.88 -7.31 7.43
N PRO A 77 -8.99 -8.01 8.18
CA PRO A 77 -7.93 -8.68 7.54
C PRO A 77 -8.41 -9.86 6.67
N HIS A 78 -7.68 -10.13 5.62
CA HIS A 78 -8.11 -11.30 4.80
C HIS A 78 -8.09 -12.57 5.66
N PRO A 79 -9.20 -13.37 5.61
CA PRO A 79 -9.31 -14.51 6.54
C PRO A 79 -8.29 -15.61 6.29
N ASP A 80 -7.63 -15.66 5.15
CA ASP A 80 -6.59 -16.65 4.89
C ASP A 80 -5.22 -16.22 5.20
N SER A 81 -5.03 -14.92 5.62
CA SER A 81 -3.71 -14.40 5.98
C SER A 81 -3.27 -15.02 7.24
N GLN A 82 -1.95 -15.10 7.36
CA GLN A 82 -1.27 -15.72 8.47
C GLN A 82 -0.08 -14.95 8.89
N PRO A 83 0.33 -15.00 10.12
CA PRO A 83 1.59 -14.31 10.54
C PRO A 83 2.69 -15.02 9.83
N ASP A 84 3.72 -14.44 9.35
CA ASP A 84 4.74 -15.56 8.85
C ASP A 84 4.53 -16.04 7.44
N THR A 85 3.46 -15.62 6.76
CA THR A 85 3.46 -15.70 5.36
C THR A 85 3.14 -14.35 4.73
N ILE A 86 3.41 -14.12 3.46
CA ILE A 86 2.87 -12.86 2.83
C ILE A 86 1.79 -13.22 1.84
N ASP A 87 1.17 -14.47 1.98
CA ASP A 87 0.03 -14.76 1.09
C ASP A 87 -1.22 -14.01 1.61
N HIS A 88 -2.08 -13.66 0.73
CA HIS A 88 -3.35 -13.07 1.12
C HIS A 88 -3.20 -11.80 2.04
N ASP A 89 -2.12 -11.02 1.75
CA ASP A 89 -1.74 -9.97 2.65
C ASP A 89 -2.52 -8.72 2.41
N LEU A 90 -3.84 -8.72 2.58
CA LEU A 90 -4.73 -7.61 2.41
C LEU A 90 -5.54 -7.36 3.64
N LEU A 91 -5.94 -6.07 3.85
CA LEU A 91 -6.69 -5.57 4.97
C LEU A 91 -7.67 -4.50 4.46
N LEU A 92 -8.90 -4.58 4.86
CA LEU A 92 -9.86 -3.57 4.54
C LEU A 92 -10.29 -2.87 5.80
N LEU A 93 -10.23 -1.52 5.76
CA LEU A 93 -10.61 -0.71 6.93
C LEU A 93 -11.84 0.15 6.57
N GLN A 94 -12.91 -0.06 7.35
CA GLN A 94 -14.10 0.66 7.18
C GLN A 94 -14.00 1.91 8.06
N LEU A 95 -14.06 3.08 7.40
CA LEU A 95 -14.00 4.38 8.13
C LEU A 95 -15.23 4.58 8.89
N SER A 96 -15.13 5.45 9.89
CA SER A 96 -16.29 5.80 10.79
CA SER A 96 -16.36 5.67 10.74
C SER A 96 -17.48 6.38 10.03
N GLU A 97 -17.19 7.05 8.97
CA GLU A 97 -18.20 7.60 8.12
C GLU A 97 -17.60 7.72 6.69
N LYS A 98 -18.44 7.95 5.71
CA LYS A 98 -17.97 8.17 4.38
C LYS A 98 -16.98 9.33 4.35
N ALA A 99 -15.89 9.16 3.63
CA ALA A 99 -14.94 10.25 3.53
C ALA A 99 -15.49 11.40 2.76
N THR A 100 -15.12 12.63 3.19
CA THR A 100 -15.48 13.84 2.46
C THR A 100 -14.61 13.90 1.24
N LEU A 101 -15.17 13.84 0.06
CA LEU A 101 -14.38 13.85 -1.21
C LEU A 101 -14.20 15.27 -1.73
N GLY A 102 -13.11 15.38 -2.46
CA GLY A 102 -12.75 16.64 -3.11
C GLY A 102 -11.50 16.42 -3.96
N PRO A 103 -10.84 17.52 -4.41
CA PRO A 103 -9.68 17.31 -5.22
C PRO A 103 -8.49 16.59 -4.53
N ALA A 104 -8.45 16.61 -3.20
CA ALA A 104 -7.39 16.01 -2.45
C ALA A 104 -7.77 14.70 -1.78
N VAL A 105 -9.06 14.26 -1.91
CA VAL A 105 -9.50 12.95 -1.32
C VAL A 105 -10.47 12.34 -2.34
N ARG A 106 -10.02 11.23 -2.96
CA ARG A 106 -10.85 10.59 -4.00
C ARG A 106 -10.42 9.15 -4.11
N PRO A 107 -11.40 8.20 -4.17
CA PRO A 107 -10.99 6.77 -4.40
C PRO A 107 -10.27 6.60 -5.70
N LEU A 108 -9.41 5.58 -5.70
CA LEU A 108 -8.64 5.14 -6.89
C LEU A 108 -9.34 3.96 -7.54
N PRO A 109 -9.68 4.02 -8.84
CA PRO A 109 -10.14 2.79 -9.52
C PRO A 109 -9.17 1.65 -9.35
N TRP A 110 -9.68 0.42 -9.21
CA TRP A 110 -8.83 -0.71 -8.99
C TRP A 110 -9.08 -1.83 -9.97
N GLN A 111 -7.99 -2.57 -10.29
CA GLN A 111 -8.05 -3.53 -11.36
C GLN A 111 -8.94 -4.76 -11.03
N ARG A 112 -9.95 -4.98 -11.87
CA ARG A 112 -10.93 -6.08 -11.71
C ARG A 112 -10.56 -7.26 -12.71
N VAL A 113 -9.70 -7.06 -13.80
CA VAL A 113 -9.43 -8.15 -14.79
C VAL A 113 -8.11 -8.79 -14.35
N ASP A 114 -8.24 -10.10 -14.17
CA ASP A 114 -7.15 -10.86 -13.57
C ASP A 114 -6.16 -11.27 -14.65
N ARG A 115 -5.40 -10.31 -15.13
CA ARG A 115 -4.31 -10.56 -16.05
C ARG A 115 -3.09 -9.73 -15.64
N ASP A 116 -1.93 -10.32 -15.90
CA ASP A 116 -0.65 -9.71 -15.43
C ASP A 116 -0.51 -8.38 -16.08
N VAL A 117 -0.01 -7.45 -15.23
CA VAL A 117 0.51 -6.18 -15.72
C VAL A 117 1.75 -6.70 -16.50
N ALA A 118 1.91 -6.28 -17.73
CA ALA A 118 3.09 -6.56 -18.44
C ALA A 118 4.49 -6.07 -17.93
N PRO A 119 5.51 -6.93 -18.05
CA PRO A 119 6.75 -6.50 -17.40
C PRO A 119 7.40 -5.25 -18.09
N GLY A 120 8.17 -4.57 -17.26
CA GLY A 120 8.76 -3.28 -17.61
C GLY A 120 7.81 -2.12 -17.53
N THR A 121 6.53 -2.32 -17.33
CA THR A 121 5.57 -1.27 -17.19
C THR A 121 5.98 -0.44 -16.00
N LEU A 122 5.99 0.91 -16.21
CA LEU A 122 6.37 1.80 -15.10
C LEU A 122 5.16 2.06 -14.21
N CYS A 123 5.27 1.71 -12.92
CA CYS A 123 4.25 1.90 -11.96
C CYS A 123 4.69 2.84 -10.86
N ASP A 124 3.73 3.52 -10.30
CA ASP A 124 4.01 4.52 -9.26
C ASP A 124 3.77 3.90 -7.89
N VAL A 125 4.70 4.04 -6.94
CA VAL A 125 4.44 3.73 -5.57
C VAL A 125 4.76 4.94 -4.72
N ALA A 126 3.90 5.23 -3.78
CA ALA A 126 4.08 6.39 -2.93
C ALA A 126 3.95 5.90 -1.48
N GLY A 127 4.57 6.63 -0.55
CA GLY A 127 4.45 6.26 0.85
C GLY A 127 5.22 7.19 1.77
N TRP A 128 4.97 7.02 3.05
CA TRP A 128 5.63 7.66 4.14
C TRP A 128 6.61 6.69 4.80
N GLY A 129 6.97 5.61 4.05
CA GLY A 129 7.94 4.76 4.58
C GLY A 129 9.35 5.29 4.72
N ILE A 130 10.25 4.51 5.32
CA ILE A 130 11.59 4.94 5.55
C ILE A 130 12.32 5.37 4.26
N VAL A 131 13.20 6.35 4.37
CA VAL A 131 13.86 6.98 3.22
C VAL A 131 15.36 6.71 3.17
N ASN A 132 15.91 5.97 4.12
CA ASN A 132 17.33 5.57 4.12
C ASN A 132 17.45 4.28 5.01
N HIS A 133 18.62 3.68 4.90
CA HIS A 133 18.93 2.47 5.70
C HIS A 133 19.00 2.65 7.16
N ALA A 134 19.26 3.90 7.62
CA ALA A 134 19.20 4.19 9.02
C ALA A 134 17.80 4.20 9.63
N GLY A 135 16.75 4.16 8.72
CA GLY A 135 15.39 4.17 9.18
C GLY A 135 14.69 5.53 9.28
N ARG A 136 15.29 6.59 8.63
CA ARG A 136 14.70 7.94 8.82
C ARG A 136 13.27 7.98 8.27
N ARG A 137 12.33 8.51 9.05
CA ARG A 137 10.88 8.60 8.68
C ARG A 137 10.66 9.97 8.01
N PRO A 138 10.14 10.09 6.80
CA PRO A 138 9.87 11.46 6.22
C PRO A 138 8.60 12.04 6.80
N ASP A 139 8.54 13.33 6.95
CA ASP A 139 7.29 13.91 7.28
C ASP A 139 6.34 13.97 6.10
N SER A 140 6.84 14.08 4.88
CA SER A 140 5.89 14.21 3.79
CA SER A 140 6.02 14.33 3.69
C SER A 140 5.99 13.07 2.78
N LEU A 141 4.97 12.93 1.98
CA LEU A 141 4.76 11.83 1.06
C LEU A 141 5.84 11.81 0.03
N GLN A 142 6.48 10.68 -0.20
CA GLN A 142 7.44 10.44 -1.21
C GLN A 142 6.89 9.54 -2.31
N HIS A 143 7.55 9.53 -3.43
CA HIS A 143 7.14 8.52 -4.43
C HIS A 143 8.33 8.13 -5.34
N VAL A 144 8.11 7.04 -6.09
CA VAL A 144 9.02 6.61 -7.07
C VAL A 144 8.35 5.78 -8.12
N LEU A 145 8.93 5.79 -9.31
CA LEU A 145 8.44 5.00 -10.40
C LEU A 145 9.28 3.77 -10.55
N LEU A 146 8.68 2.60 -10.61
CA LEU A 146 9.36 1.31 -10.64
C LEU A 146 8.81 0.45 -11.78
N PRO A 147 9.69 -0.15 -12.55
CA PRO A 147 9.25 -1.08 -13.60
C PRO A 147 8.79 -2.42 -12.94
N VAL A 148 7.69 -2.95 -13.49
CA VAL A 148 7.27 -4.28 -13.11
C VAL A 148 8.35 -5.32 -13.55
N LEU A 149 8.61 -6.27 -12.66
CA LEU A 149 9.64 -7.31 -12.93
C LEU A 149 8.88 -8.57 -13.32
N ASP A 150 9.32 -9.20 -14.35
CA ASP A 150 8.58 -10.42 -14.85
C ASP A 150 8.66 -11.51 -13.82
N ARG A 151 7.60 -12.30 -13.75
CA ARG A 151 7.50 -13.32 -12.67
C ARG A 151 8.57 -14.39 -12.74
N ALA A 152 8.97 -14.83 -13.94
CA ALA A 152 10.01 -15.84 -14.02
C ALA A 152 11.31 -15.37 -13.41
N THR A 153 11.69 -14.09 -13.64
CA THR A 153 12.92 -13.63 -13.02
C THR A 153 12.71 -13.54 -11.52
N CYS A 154 11.54 -13.03 -11.11
CA CYS A 154 11.31 -12.86 -9.70
C CYS A 154 11.37 -14.18 -8.91
N ASN A 155 10.97 -15.29 -9.59
CA ASN A 155 10.97 -16.65 -9.06
C ASN A 155 12.28 -17.32 -9.07
N ARG A 156 13.30 -16.78 -9.74
CA ARG A 156 14.63 -17.52 -9.82
C ARG A 156 15.18 -17.71 -8.43
N ARG A 157 16.04 -18.76 -8.33
CA ARG A 157 16.69 -19.11 -7.05
C ARG A 157 17.41 -17.87 -6.49
N THR A 158 18.03 -17.11 -7.41
CA THR A 158 18.74 -15.85 -7.05
C THR A 158 17.87 -14.72 -6.43
N HIS A 159 16.59 -14.76 -6.75
CA HIS A 159 15.63 -13.75 -6.38
C HIS A 159 14.78 -14.36 -5.28
N HIS A 160 13.49 -14.57 -5.53
CA HIS A 160 12.58 -15.04 -4.46
C HIS A 160 12.27 -16.57 -4.52
N ASP A 161 12.96 -17.27 -5.38
CA ASP A 161 13.11 -18.73 -5.27
C ASP A 161 11.73 -19.47 -5.20
N GLY A 162 10.88 -19.18 -6.12
CA GLY A 162 9.56 -19.82 -6.31
C GLY A 162 8.46 -19.39 -5.36
N ALA A 163 8.66 -18.31 -4.62
CA ALA A 163 7.63 -17.87 -3.67
C ALA A 163 6.58 -16.98 -4.33
N ILE A 164 6.79 -16.53 -5.55
CA ILE A 164 5.89 -15.59 -6.19
C ILE A 164 4.78 -16.33 -6.90
N THR A 165 3.64 -16.44 -6.23
CA THR A 165 2.45 -17.09 -6.78
C THR A 165 1.80 -16.22 -7.84
N GLU A 166 0.75 -16.70 -8.48
CA GLU A 166 0.01 -15.96 -9.45
C GLU A 166 -0.68 -14.75 -8.85
N ARG A 167 -0.87 -14.76 -7.54
CA ARG A 167 -1.59 -13.70 -6.85
C ARG A 167 -0.72 -12.55 -6.39
N LEU A 168 0.56 -12.65 -6.70
CA LEU A 168 1.58 -11.62 -6.35
C LEU A 168 2.22 -11.20 -7.64
N MET A 169 2.83 -10.00 -7.54
CA MET A 169 3.59 -9.41 -8.59
C MET A 169 4.87 -8.77 -8.03
N CYS A 170 5.89 -8.62 -8.87
CA CYS A 170 7.11 -7.97 -8.36
C CYS A 170 7.40 -6.72 -9.18
N ALA A 171 8.18 -5.82 -8.52
CA ALA A 171 8.76 -4.68 -9.20
C ALA A 171 10.21 -4.61 -8.92
N GLU A 172 10.98 -3.98 -9.80
CA GLU A 172 12.39 -3.84 -9.52
C GLU A 172 12.69 -3.11 -8.20
N SER A 173 13.84 -3.45 -7.68
CA SER A 173 14.26 -2.94 -6.42
C SER A 173 15.71 -2.48 -6.47
N ASN A 174 16.20 -1.99 -7.62
CA ASN A 174 17.57 -1.64 -7.75
C ASN A 174 17.71 -0.14 -7.32
N ARG A 175 18.12 0.06 -6.05
CA ARG A 175 18.25 1.33 -5.38
C ARG A 175 16.90 2.01 -5.09
N ARG A 176 16.11 2.28 -6.16
CA ARG A 176 14.78 2.82 -6.04
C ARG A 176 13.88 1.68 -5.52
N ASP A 177 13.10 1.89 -4.50
CA ASP A 177 12.28 0.77 -3.95
C ASP A 177 11.25 1.25 -2.96
N SER A 178 10.26 0.46 -2.71
CA SER A 178 9.42 0.55 -1.52
C SER A 178 10.09 -0.13 -0.31
N CYS A 179 9.75 0.33 0.90
CA CYS A 179 10.41 -0.19 2.07
C CYS A 179 9.47 -0.20 3.27
N LYS A 180 10.10 -0.41 4.44
CA LYS A 180 9.35 -0.40 5.70
C LYS A 180 8.49 0.83 5.84
N GLY A 181 7.22 0.64 6.19
CA GLY A 181 6.25 1.71 6.25
C GLY A 181 5.56 2.10 4.98
N ASP A 182 6.06 1.63 3.82
CA ASP A 182 5.33 1.70 2.60
C ASP A 182 4.33 0.51 2.39
N SER A 183 4.60 -0.55 3.21
CA SER A 183 3.67 -1.70 3.32
C SER A 183 2.23 -1.27 3.32
N GLY A 184 1.33 -1.89 2.53
CA GLY A 184 -0.07 -1.50 2.53
C GLY A 184 -0.44 -0.46 1.54
N GLY A 185 0.60 0.24 0.99
CA GLY A 185 0.33 1.28 0.02
C GLY A 185 0.14 0.84 -1.40
N PRO A 186 -0.25 1.71 -2.29
CA PRO A 186 -0.63 1.33 -3.62
C PRO A 186 0.47 1.30 -4.60
N LEU A 187 0.43 0.28 -5.51
CA LEU A 187 1.26 0.26 -6.72
C LEU A 187 0.31 0.54 -7.82
N VAL A 188 0.45 1.70 -8.52
CA VAL A 188 -0.47 2.19 -9.50
C VAL A 188 0.15 2.16 -10.88
N CYS A 189 -0.58 1.51 -11.86
CA CYS A 189 -0.14 1.38 -13.22
C CYS A 189 -1.22 1.90 -14.14
N GLY A 190 -0.90 2.82 -15.04
CA GLY A 190 -1.89 3.42 -15.93
C GLY A 190 -3.07 4.02 -15.18
N GLY A 191 -2.88 4.64 -14.02
CA GLY A 191 -3.95 5.27 -13.29
C GLY A 191 -4.88 4.32 -12.59
N VAL A 192 -4.50 3.03 -12.54
CA VAL A 192 -5.35 2.00 -11.88
C VAL A 192 -4.51 1.32 -10.78
N LEU A 193 -5.15 1.06 -9.66
CA LEU A 193 -4.52 0.29 -8.59
C LEU A 193 -4.29 -1.14 -9.06
N GLU A 194 -3.05 -1.58 -9.08
CA GLU A 194 -2.74 -2.96 -9.48
C GLU A 194 -2.24 -3.77 -8.34
N GLY A 195 -1.50 -3.16 -7.42
CA GLY A 195 -0.91 -3.92 -6.35
C GLY A 195 -0.97 -3.26 -5.00
N VAL A 196 -0.80 -3.95 -3.90
CA VAL A 196 -0.68 -3.45 -2.57
C VAL A 196 0.61 -3.94 -2.03
N VAL A 197 1.50 -3.02 -1.57
CA VAL A 197 2.81 -3.36 -1.09
C VAL A 197 2.63 -4.42 0.03
N THR A 198 3.41 -5.49 -0.04
CA THR A 198 3.30 -6.47 1.04
C THR A 198 3.89 -5.96 2.33
N SER A 199 3.68 -6.69 3.42
CA SER A 199 3.94 -6.20 4.74
C SER A 199 4.82 -7.15 5.56
N GLY A 200 5.49 -8.11 4.89
CA GLY A 200 6.56 -8.88 5.52
C GLY A 200 7.91 -8.12 5.51
N SER A 201 8.78 -8.46 6.45
CA SER A 201 10.11 -7.83 6.50
C SER A 201 10.89 -8.29 5.28
N ARG A 202 11.74 -7.41 4.76
CA ARG A 202 12.60 -7.62 3.61
C ARG A 202 13.68 -6.61 3.46
N VAL A 203 14.78 -6.96 2.76
CA VAL A 203 15.73 -5.93 2.38
C VAL A 203 15.11 -5.02 1.39
N CYS A 204 15.60 -3.78 1.37
CA CYS A 204 15.07 -2.78 0.43
C CYS A 204 16.27 -2.33 -0.39
N GLY A 205 15.96 -2.03 -1.63
CA GLY A 205 16.96 -1.41 -2.54
C GLY A 205 17.98 -2.37 -3.15
N ASN A 206 17.80 -3.67 -2.97
CA ASN A 206 18.67 -4.70 -3.52
C ASN A 206 18.04 -5.39 -4.71
N ARG A 207 18.66 -5.22 -5.88
CA ARG A 207 18.06 -5.72 -7.08
C ARG A 207 17.69 -7.21 -7.07
N LYS A 208 18.42 -8.04 -6.34
CA LYS A 208 18.12 -9.45 -6.23
C LYS A 208 17.01 -9.81 -5.28
N LYS A 209 16.40 -8.83 -4.61
CA LYS A 209 15.29 -9.06 -3.69
C LYS A 209 14.18 -8.03 -4.04
N PRO A 210 13.53 -8.31 -5.17
CA PRO A 210 12.48 -7.43 -5.65
C PRO A 210 11.35 -7.18 -4.74
N GLY A 211 10.77 -5.96 -4.85
CA GLY A 211 9.58 -5.71 -4.09
C GLY A 211 8.43 -6.65 -4.52
N ILE A 212 7.60 -6.98 -3.52
CA ILE A 212 6.48 -7.88 -3.79
C ILE A 212 5.20 -7.12 -3.44
N TYR A 213 4.22 -7.25 -4.30
CA TYR A 213 2.94 -6.52 -4.21
C TYR A 213 1.80 -7.50 -4.47
N THR A 214 0.76 -7.43 -3.67
CA THR A 214 -0.37 -8.33 -3.82
C THR A 214 -1.23 -7.83 -4.97
N ARG A 215 -1.60 -8.69 -5.90
CA ARG A 215 -2.40 -8.28 -7.03
C ARG A 215 -3.85 -8.14 -6.64
N VAL A 216 -4.42 -6.94 -6.68
CA VAL A 216 -5.80 -6.69 -6.26
C VAL A 216 -6.78 -7.51 -7.12
N ALA A 217 -6.52 -7.64 -8.39
CA ALA A 217 -7.45 -8.36 -9.25
C ALA A 217 -7.65 -9.79 -8.82
N SER A 218 -6.62 -10.35 -8.29
CA SER A 218 -6.64 -11.71 -7.75
C SER A 218 -7.60 -11.90 -6.60
N TYR A 219 -7.95 -10.81 -5.92
CA TYR A 219 -8.75 -10.77 -4.70
C TYR A 219 -10.04 -10.05 -4.94
N ALA A 220 -10.48 -9.91 -6.16
CA ALA A 220 -11.65 -9.09 -6.47
C ALA A 220 -12.89 -9.58 -5.73
N ALA A 221 -13.11 -10.89 -5.67
CA ALA A 221 -14.27 -11.41 -4.89
C ALA A 221 -14.25 -11.09 -3.46
N TRP A 222 -13.09 -11.18 -2.85
CA TRP A 222 -12.97 -10.83 -1.46
C TRP A 222 -13.27 -9.31 -1.21
N ILE A 223 -12.62 -8.49 -2.03
CA ILE A 223 -12.77 -6.99 -1.86
C ILE A 223 -14.25 -6.67 -2.02
N ASP A 224 -14.87 -7.22 -3.13
CA ASP A 224 -16.26 -6.88 -3.38
C ASP A 224 -17.12 -7.30 -2.22
N SER A 225 -16.90 -8.53 -1.64
CA SER A 225 -17.77 -8.96 -0.51
C SER A 225 -17.62 -8.06 0.69
N VAL A 226 -16.39 -7.72 1.09
CA VAL A 226 -16.19 -6.87 2.23
C VAL A 226 -16.82 -5.48 2.05
N LEU A 227 -16.57 -4.95 0.84
CA LEU A 227 -17.07 -3.61 0.55
C LEU A 227 -18.56 -3.54 0.65
N ALA A 228 -19.26 -4.63 0.34
CA ALA A 228 -20.71 -4.71 0.40
C ALA A 228 -21.23 -5.00 1.74
N SER A 229 -20.34 -5.32 2.68
CA SER A 229 -20.75 -5.85 3.99
C SER A 229 -21.34 -4.77 4.93
N ALA A 230 -21.18 -3.51 4.55
CA ALA A 230 -21.97 -2.45 5.18
C ALA A 230 -23.39 -2.56 4.59
S DMS B . -10.89 -14.26 -7.25
O DMS B . -11.36 -13.06 -6.48
C1 DMS B . -12.26 -15.19 -7.80
C2 DMS B . -10.45 -13.51 -8.81
S DMS C . -2.44 -13.86 -13.87
O DMS C . -0.94 -14.17 -13.33
C1 DMS C . -2.47 -14.09 -15.56
C2 DMS C . -3.53 -14.95 -13.08
C4 8NQ D . 3.60 -3.49 10.16
C14 8NQ D . 9.55 -3.97 5.20
C5 8NQ D . 4.66 -3.99 9.32
C6 8NQ D . 3.26 -4.18 8.97
C11 8NQ D . 11.02 -4.39 7.47
C7 8NQ D . 6.28 -2.96 7.84
C8 8NQ D . 6.56 -4.30 7.19
C9 8NQ D . 8.94 -4.23 6.42
C10 8NQ D . 9.66 -4.40 7.60
C12 8NQ D . 11.67 -4.14 6.27
C13 8NQ D . 10.96 -3.96 5.09
N1 8NQ D . 5.42 -2.91 8.83
N2 8NQ D . 7.60 -4.19 6.20
C3 8NQ D . 3.78 -2.03 10.36
N3 8NQ D . 7.46 -3.78 2.16
O1 8NQ D . 7.01 -1.38 10.57
C1 8NQ D . 6.08 -0.84 10.00
C2 8NQ D . 4.96 -1.70 9.45
C15 8NQ D . 8.48 -3.85 4.27
C16 8NQ D . 8.57 -3.64 2.84
O2 8NQ D . 9.66 -3.32 2.32
N4 8NQ D . 7.33 -3.99 4.91
O3 8NQ D . 6.79 -1.94 7.41
N5 8NQ D . 5.95 0.52 9.84
C17 8NQ D . 6.94 1.51 10.09
C18 8NQ D . 7.97 1.30 10.97
C19 8NQ D . 8.93 2.31 11.08
C20 8NQ D . 8.88 3.39 10.26
C21 8NQ D . 7.81 3.58 9.44
BR1 8NQ D . 7.70 5.02 8.29
N6 8NQ D . 6.86 2.61 9.33
#